data_1GIG
#
_entry.id   1GIG
#
_cell.length_a   98.900
_cell.length_b   98.900
_cell.length_c   89.300
_cell.angle_alpha   90.00
_cell.angle_beta   90.00
_cell.angle_gamma   120.00
#
_symmetry.space_group_name_H-M   'P 31 2 1'
#
loop_
_entity.id
_entity.type
_entity.pdbx_description
1 polymer 'IGG1-KAPPA HC19 FAB (LIGHT CHAIN)'
2 polymer 'IGG1-KAPPA HC19 FAB (HEAVY CHAIN)'
3 water water
#
loop_
_entity_poly.entity_id
_entity_poly.type
_entity_poly.pdbx_seq_one_letter_code
_entity_poly.pdbx_strand_id
1 'polypeptide(L)'
;QAVVTQESALTTSPGETVTLTCRSSTGAVTTSNYANWVQEKPDHLFTGLIGGTNNRAPGVPARFSGSLIGDKAALTITGA
QTEDEAIYFCALWYSNHWVFGGGTKLTVLGQPKSSPSVTLFPPSSEELETNKATLVCTITDFYPGVVTVDWKVDGTPVTQ
GMETTQPSKQSNNKYMASSYLTLTARAWERHSSYSCQVTHEGHTVEKSLS
;
L
2 'polypeptide(L)'
;QVQLKESGPGLVAPSQSLSITCTVSGFLLISNGVHWVRQPPGKGLEWLGVIWAGGNTNYNSALMSRVSISKDNSKSQVFL
KMKSLQTDDTAMYYCARDFYDYDVFYYAMDYWGQGTSVTVSSAKTTPPSVYPLAPGSAAQTNSMVTLGCLVKGYFPEPVT
VTWNSGSLSSGVHTFPAVLQSDLYTLSSSVTVPSSTWPSETVTCNVAHPASSTKVDKKIVP
;
H
#
# COMPACT_ATOMS: atom_id res chain seq x y z
N GLN A 1 -12.90 -25.55 5.44
CA GLN A 1 -13.52 -25.53 6.79
C GLN A 1 -12.57 -24.86 7.81
N ALA A 2 -13.28 -24.14 8.68
CA ALA A 2 -12.67 -23.26 9.70
C ALA A 2 -12.41 -22.14 8.65
N VAL A 3 -13.55 -21.51 8.41
CA VAL A 3 -13.77 -20.38 7.50
C VAL A 3 -14.29 -19.31 8.47
N VAL A 4 -13.61 -18.21 8.60
CA VAL A 4 -14.09 -17.18 9.57
C VAL A 4 -14.73 -16.10 8.73
N THR A 5 -15.93 -15.67 9.03
CA THR A 5 -16.53 -14.62 8.20
C THR A 5 -16.85 -13.43 9.11
N GLN A 6 -16.81 -12.26 8.52
CA GLN A 6 -17.07 -10.94 9.08
C GLN A 6 -17.92 -10.13 8.10
N GLU A 7 -18.62 -9.09 8.52
CA GLU A 7 -19.40 -8.25 7.59
C GLU A 7 -18.35 -7.68 6.66
N SER A 8 -18.68 -7.39 5.41
CA SER A 8 -17.57 -6.86 4.59
C SER A 8 -17.44 -5.35 4.67
N ALA A 9 -18.55 -4.66 4.92
CA ALA A 9 -18.48 -3.19 5.00
C ALA A 9 -19.52 -2.69 5.99
N LEU A 10 -19.14 -1.67 6.73
CA LEU A 10 -20.02 -1.03 7.74
C LEU A 10 -19.69 0.44 7.67
N THR A 11 -20.66 1.26 8.05
CA THR A 11 -20.50 2.73 8.03
C THR A 11 -21.15 3.26 9.28
N THR A 12 -20.49 4.26 9.86
CA THR A 12 -20.97 4.90 11.09
C THR A 12 -20.66 6.37 11.01
N SER A 13 -21.00 7.11 12.05
CA SER A 13 -20.72 8.57 12.09
C SER A 13 -20.21 8.75 13.50
N PRO A 14 -19.43 9.78 13.73
CA PRO A 14 -18.82 10.05 15.03
C PRO A 14 -19.78 10.11 16.20
N GLY A 15 -19.39 9.44 17.31
CA GLY A 15 -20.24 9.42 18.49
C GLY A 15 -21.18 8.23 18.44
N GLU A 16 -21.34 7.52 17.34
CA GLU A 16 -22.26 6.36 17.38
C GLU A 16 -21.53 5.11 17.82
N THR A 17 -22.26 4.08 18.18
CA THR A 17 -21.75 2.76 18.58
C THR A 17 -21.89 1.86 17.34
N VAL A 18 -20.91 1.07 17.00
CA VAL A 18 -20.90 0.12 15.88
C VAL A 18 -20.39 -1.23 16.44
N THR A 19 -20.98 -2.34 16.05
CA THR A 19 -20.57 -3.68 16.49
C THR A 19 -20.14 -4.46 15.25
N LEU A 20 -18.96 -5.02 15.27
CA LEU A 20 -18.44 -5.84 14.16
C LEU A 20 -18.50 -7.29 14.64
N THR A 21 -18.86 -8.23 13.78
CA THR A 21 -18.93 -9.62 14.27
C THR A 21 -18.01 -10.50 13.45
N CYS A 22 -17.71 -11.61 14.11
CA CYS A 22 -16.80 -12.64 13.61
C CYS A 22 -17.38 -14.03 13.88
N ARG A 23 -17.59 -14.73 12.79
CA ARG A 23 -18.21 -16.07 12.85
C ARG A 23 -17.31 -17.20 12.37
N SER A 24 -17.38 -18.34 13.05
CA SER A 24 -16.63 -19.55 12.71
C SER A 24 -17.58 -20.47 11.94
N SER A 25 -17.15 -21.01 10.83
CA SER A 25 -17.95 -21.89 9.96
C SER A 25 -18.27 -23.20 10.70
N THR A 26 -17.35 -23.58 11.53
CA THR A 26 -17.30 -24.76 12.38
C THR A 26 -18.22 -24.86 13.57
N GLY A 27 -18.74 -23.79 14.11
CA GLY A 27 -19.62 -23.78 15.27
C GLY A 27 -19.55 -22.44 15.99
N ALA A 28 -20.03 -22.45 17.21
CA ALA A 28 -20.03 -21.24 18.03
C ALA A 28 -18.60 -20.86 18.38
N VAL A 29 -18.36 -19.57 18.48
CA VAL A 29 -17.06 -19.04 18.88
C VAL A 29 -17.15 -19.16 20.43
N THR A 30 -16.08 -19.63 20.97
CA THR A 30 -15.79 -19.90 22.37
C THR A 30 -14.55 -19.13 22.77
N THR A 31 -14.30 -19.09 24.03
CA THR A 31 -13.20 -18.47 24.76
C THR A 31 -11.93 -19.07 24.27
N SER A 32 -11.88 -20.36 24.03
CA SER A 32 -10.79 -21.16 23.52
C SER A 32 -10.33 -20.81 22.12
N ASN A 33 -11.06 -19.94 21.44
CA ASN A 33 -10.67 -19.54 20.09
C ASN A 33 -9.80 -18.28 20.17
N TYR A 34 -9.75 -17.69 21.36
CA TYR A 34 -8.96 -16.48 21.69
C TYR A 34 -9.07 -15.38 20.65
N ALA A 35 -10.27 -15.03 20.25
CA ALA A 35 -10.48 -14.00 19.23
C ALA A 35 -9.58 -12.78 19.43
N ASN A 36 -8.86 -12.52 18.36
CA ASN A 36 -7.94 -11.43 18.19
C ASN A 36 -8.52 -10.49 17.12
N TRP A 37 -8.42 -9.21 17.38
CA TRP A 37 -8.91 -8.19 16.45
C TRP A 37 -7.73 -7.29 16.09
N VAL A 38 -7.41 -7.26 14.82
CA VAL A 38 -6.28 -6.49 14.29
C VAL A 38 -6.72 -5.34 13.40
N GLN A 39 -6.07 -4.21 13.60
CA GLN A 39 -6.44 -3.07 12.77
C GLN A 39 -5.40 -2.74 11.68
N GLU A 40 -5.95 -2.61 10.47
CA GLU A 40 -5.19 -2.22 9.32
C GLU A 40 -5.51 -0.75 8.95
N LYS A 41 -4.44 0.02 9.01
CA LYS A 41 -4.38 1.44 8.67
C LYS A 41 -3.57 1.62 7.39
N PRO A 42 -4.02 2.58 6.58
CA PRO A 42 -3.40 2.86 5.30
C PRO A 42 -1.88 2.88 5.37
N ASP A 43 -1.47 2.02 4.47
CA ASP A 43 -0.18 1.55 3.99
C ASP A 43 0.41 0.65 5.05
N HIS A 44 -0.25 -0.48 4.99
CA HIS A 44 -0.07 -1.70 5.77
C HIS A 44 0.46 -1.53 7.18
N LEU A 45 -0.30 -0.78 7.96
CA LEU A 45 0.01 -0.53 9.37
C LEU A 45 -1.01 -1.44 10.09
N PHE A 46 -0.43 -2.47 10.72
CA PHE A 46 -1.21 -3.46 11.47
C PHE A 46 -0.96 -3.21 12.96
N THR A 47 -2.07 -3.14 13.68
CA THR A 47 -2.04 -2.90 15.13
C THR A 47 -2.98 -3.89 15.81
N GLY A 48 -2.53 -4.61 16.81
CA GLY A 48 -3.34 -5.57 17.57
C GLY A 48 -4.18 -4.73 18.55
N LEU A 49 -5.49 -4.89 18.53
CA LEU A 49 -6.41 -4.14 19.38
C LEU A 49 -6.90 -4.88 20.61
N ILE A 50 -7.43 -6.06 20.43
CA ILE A 50 -8.01 -6.95 21.43
C ILE A 50 -7.43 -8.32 21.25
N GLY A 51 -7.15 -9.04 22.30
CA GLY A 51 -6.58 -10.41 22.26
C GLY A 51 -7.48 -11.21 23.23
N GLY A 52 -7.49 -12.51 23.08
CA GLY A 52 -8.27 -13.38 23.96
C GLY A 52 -9.68 -12.88 24.17
N THR A 53 -10.42 -12.61 23.10
CA THR A 53 -11.81 -12.19 23.11
C THR A 53 -12.13 -10.79 23.61
N ASN A 54 -11.67 -10.46 24.81
CA ASN A 54 -11.99 -9.16 25.41
C ASN A 54 -10.92 -8.33 26.08
N ASN A 55 -9.68 -8.65 25.80
CA ASN A 55 -8.58 -7.92 26.41
C ASN A 55 -8.00 -6.91 25.45
N ARG A 56 -8.28 -5.68 25.76
CA ARG A 56 -7.80 -4.48 25.04
C ARG A 56 -6.30 -4.40 25.31
N ALA A 57 -5.49 -4.19 24.30
CA ALA A 57 -4.05 -4.04 24.43
C ALA A 57 -3.88 -2.72 25.20
N PRO A 58 -2.77 -2.59 25.89
CA PRO A 58 -2.53 -1.39 26.69
C PRO A 58 -2.60 -0.09 25.91
N GLY A 59 -2.04 0.05 24.75
CA GLY A 59 -2.13 1.41 24.12
C GLY A 59 -3.42 1.80 23.47
N VAL A 60 -4.37 0.90 23.34
CA VAL A 60 -5.64 1.10 22.68
C VAL A 60 -6.66 1.90 23.49
N PRO A 61 -7.36 2.77 22.78
CA PRO A 61 -8.41 3.59 23.38
C PRO A 61 -9.47 2.78 24.10
N ALA A 62 -9.94 3.31 25.24
CA ALA A 62 -10.97 2.66 26.04
C ALA A 62 -12.29 2.48 25.27
N ARG A 63 -12.53 3.12 24.15
CA ARG A 63 -13.77 2.97 23.37
C ARG A 63 -13.88 1.67 22.61
N PHE A 64 -12.86 0.84 22.57
CA PHE A 64 -12.83 -0.47 21.95
C PHE A 64 -13.07 -1.57 22.97
N SER A 65 -14.05 -2.41 22.73
CA SER A 65 -14.29 -3.55 23.64
C SER A 65 -14.60 -4.78 22.78
N GLY A 66 -14.38 -5.96 23.34
CA GLY A 66 -14.63 -7.22 22.62
C GLY A 66 -15.52 -8.10 23.49
N SER A 67 -16.34 -8.94 22.89
CA SER A 67 -17.22 -9.82 23.65
C SER A 67 -17.66 -10.99 22.78
N LEU A 68 -18.39 -11.86 23.45
CA LEU A 68 -18.98 -13.03 22.77
C LEU A 68 -20.47 -12.66 22.75
N ILE A 69 -20.99 -12.49 21.58
CA ILE A 69 -22.42 -12.13 21.41
C ILE A 69 -23.02 -13.42 20.83
N GLY A 70 -23.62 -14.18 21.72
CA GLY A 70 -24.19 -15.46 21.26
C GLY A 70 -23.03 -16.36 20.83
N ASP A 71 -23.10 -16.81 19.61
CA ASP A 71 -22.21 -17.74 18.92
C ASP A 71 -21.03 -17.17 18.17
N LYS A 72 -20.91 -15.86 18.25
CA LYS A 72 -19.89 -15.10 17.57
C LYS A 72 -19.07 -14.18 18.47
N ALA A 73 -17.91 -13.81 17.97
CA ALA A 73 -17.03 -12.84 18.68
C ALA A 73 -17.49 -11.49 18.09
N ALA A 74 -17.44 -10.45 18.87
CA ALA A 74 -17.79 -9.09 18.55
C ALA A 74 -16.76 -8.07 19.06
N LEU A 75 -16.57 -7.02 18.28
CA LEU A 75 -15.73 -5.87 18.53
C LEU A 75 -16.74 -4.71 18.58
N THR A 76 -16.89 -4.01 19.66
CA THR A 76 -17.81 -2.87 19.77
C THR A 76 -16.99 -1.60 19.96
N ILE A 77 -17.29 -0.58 19.22
CA ILE A 77 -16.65 0.74 19.31
C ILE A 77 -17.79 1.65 19.86
N THR A 78 -17.61 2.11 21.07
CA THR A 78 -18.61 2.96 21.72
C THR A 78 -18.24 4.40 21.54
N GLY A 79 -18.85 5.13 20.62
CA GLY A 79 -18.48 6.54 20.41
C GLY A 79 -17.26 6.59 19.46
N ALA A 80 -17.56 6.11 18.27
CA ALA A 80 -16.67 6.01 17.13
C ALA A 80 -16.15 7.39 16.76
N GLN A 81 -14.88 7.45 16.38
CA GLN A 81 -14.13 8.64 15.97
C GLN A 81 -13.73 8.53 14.52
N THR A 82 -13.43 9.60 13.82
CA THR A 82 -13.06 9.57 12.39
C THR A 82 -11.83 8.71 12.10
N GLU A 83 -10.95 8.58 13.07
CA GLU A 83 -9.72 7.82 12.96
C GLU A 83 -9.92 6.33 13.15
N ASP A 84 -11.15 5.92 13.40
CA ASP A 84 -11.48 4.50 13.58
C ASP A 84 -11.73 3.86 12.20
N GLU A 85 -11.84 4.72 11.21
CA GLU A 85 -12.02 4.34 9.81
C GLU A 85 -10.78 3.51 9.45
N ALA A 86 -10.97 2.20 9.25
CA ALA A 86 -9.90 1.25 8.95
C ALA A 86 -10.54 -0.07 8.53
N ILE A 87 -9.72 -1.07 8.32
CA ILE A 87 -10.17 -2.44 8.00
C ILE A 87 -9.92 -3.19 9.31
N TYR A 88 -10.86 -3.97 9.78
CA TYR A 88 -10.69 -4.71 11.04
C TYR A 88 -10.69 -6.18 10.67
N PHE A 89 -9.68 -6.91 11.10
CA PHE A 89 -9.54 -8.34 10.86
C PHE A 89 -9.77 -9.06 12.20
N CYS A 90 -10.42 -10.19 12.07
CA CYS A 90 -10.74 -11.11 13.16
C CYS A 90 -9.87 -12.36 12.86
N ALA A 91 -9.37 -13.05 13.86
CA ALA A 91 -8.56 -14.25 13.77
C ALA A 91 -9.04 -15.14 14.92
N LEU A 92 -9.17 -16.43 14.67
CA LEU A 92 -9.64 -17.42 15.65
C LEU A 92 -8.63 -18.53 15.72
N TRP A 93 -8.29 -19.00 16.88
CA TRP A 93 -7.34 -20.08 17.12
C TRP A 93 -8.07 -21.41 17.18
N TYR A 94 -7.51 -22.35 16.45
CA TYR A 94 -8.15 -23.70 16.40
C TYR A 94 -7.13 -24.75 16.79
N SER A 95 -6.65 -24.72 18.03
CA SER A 95 -5.71 -25.61 18.69
C SER A 95 -4.34 -25.76 18.06
N ASN A 96 -4.24 -25.74 16.75
CA ASN A 96 -2.93 -25.84 16.09
C ASN A 96 -2.78 -24.73 15.04
N HIS A 97 -3.82 -23.99 14.73
CA HIS A 97 -3.63 -22.93 13.72
C HIS A 97 -4.56 -21.74 13.94
N TRP A 98 -4.22 -20.66 13.29
CA TRP A 98 -4.99 -19.40 13.33
C TRP A 98 -5.68 -19.28 11.96
N VAL A 99 -6.87 -18.73 11.89
CA VAL A 99 -7.62 -18.51 10.66
C VAL A 99 -8.09 -17.04 10.78
N PHE A 100 -7.80 -16.20 9.84
CA PHE A 100 -8.20 -14.80 9.78
C PHE A 100 -9.53 -14.73 9.00
N GLY A 101 -10.32 -13.74 9.30
CA GLY A 101 -11.60 -13.52 8.58
C GLY A 101 -11.18 -12.58 7.42
N GLY A 102 -12.21 -12.28 6.65
CA GLY A 102 -12.09 -11.43 5.48
C GLY A 102 -11.87 -9.98 5.82
N GLY A 103 -12.21 -9.50 6.99
CA GLY A 103 -11.99 -8.09 7.31
C GLY A 103 -13.26 -7.29 7.03
N THR A 104 -13.43 -6.25 7.83
CA THR A 104 -14.56 -5.35 7.74
C THR A 104 -13.95 -3.97 7.45
N LYS A 105 -14.56 -3.36 6.47
CA LYS A 105 -14.17 -2.00 6.04
C LYS A 105 -15.13 -1.08 6.80
N LEU A 106 -14.57 -0.24 7.67
CA LEU A 106 -15.41 0.69 8.44
C LEU A 106 -15.24 2.11 7.91
N THR A 107 -16.36 2.69 7.52
CA THR A 107 -16.34 4.07 7.03
C THR A 107 -17.00 4.93 8.12
N VAL A 108 -16.35 6.01 8.51
CA VAL A 108 -16.90 6.91 9.56
C VAL A 108 -17.26 8.19 8.79
N LEU A 109 -18.51 8.58 8.72
CA LEU A 109 -18.84 9.83 7.99
C LEU A 109 -18.39 10.99 8.86
N GLY A 110 -18.56 12.17 8.32
CA GLY A 110 -18.22 13.44 8.96
C GLY A 110 -16.76 13.79 8.83
N GLN A 111 -16.09 13.11 7.94
CA GLN A 111 -14.65 13.39 7.73
C GLN A 111 -14.61 14.77 7.04
N PRO A 112 -13.48 15.43 7.25
CA PRO A 112 -13.21 16.75 6.62
C PRO A 112 -12.87 16.64 5.12
N LYS A 113 -13.70 17.18 4.24
CA LYS A 113 -13.46 17.12 2.78
C LYS A 113 -12.44 18.14 2.28
N SER A 114 -11.68 17.74 1.27
CA SER A 114 -10.62 18.47 0.60
C SER A 114 -10.69 18.19 -0.92
N SER A 115 -10.61 19.30 -1.61
CA SER A 115 -10.64 19.35 -3.08
C SER A 115 -9.22 19.21 -3.64
N PRO A 116 -9.14 18.47 -4.74
CA PRO A 116 -7.89 18.18 -5.40
C PRO A 116 -7.15 19.34 -6.03
N SER A 117 -5.83 19.20 -6.07
CA SER A 117 -4.92 20.14 -6.74
C SER A 117 -4.53 19.34 -8.00
N VAL A 118 -4.67 19.94 -9.15
CA VAL A 118 -4.40 19.32 -10.44
C VAL A 118 -3.26 19.98 -11.19
N THR A 119 -2.37 19.22 -11.79
CA THR A 119 -1.26 19.79 -12.56
C THR A 119 -1.25 18.97 -13.85
N LEU A 120 -1.15 19.62 -14.97
CA LEU A 120 -1.11 18.93 -16.27
C LEU A 120 0.26 19.18 -16.91
N PHE A 121 0.95 18.09 -17.29
CA PHE A 121 2.26 18.18 -17.92
C PHE A 121 2.23 17.67 -19.37
N PRO A 122 2.85 18.43 -20.25
CA PRO A 122 2.95 18.08 -21.68
C PRO A 122 3.99 16.98 -21.90
N PRO A 123 3.94 16.32 -23.04
CA PRO A 123 4.90 15.27 -23.38
C PRO A 123 6.25 15.96 -23.52
N SER A 124 7.34 15.30 -23.20
CA SER A 124 8.67 15.92 -23.34
C SER A 124 9.16 15.68 -24.76
N SER A 125 10.02 16.57 -25.24
CA SER A 125 10.61 16.45 -26.58
C SER A 125 11.43 15.17 -26.64
N GLU A 126 12.08 14.84 -25.54
CA GLU A 126 12.89 13.61 -25.42
C GLU A 126 12.03 12.38 -25.68
N GLU A 127 10.82 12.37 -25.13
CA GLU A 127 9.89 11.25 -25.30
C GLU A 127 9.37 11.23 -26.74
N LEU A 128 9.12 12.37 -27.34
CA LEU A 128 8.61 12.37 -28.73
C LEU A 128 9.53 11.68 -29.71
N GLU A 129 10.83 11.72 -29.48
CA GLU A 129 11.82 11.05 -30.35
C GLU A 129 11.47 9.56 -30.46
N THR A 130 10.97 8.97 -29.39
CA THR A 130 10.58 7.57 -29.28
C THR A 130 9.26 7.26 -29.95
N ASN A 131 8.60 8.27 -30.50
CA ASN A 131 7.32 8.19 -31.20
C ASN A 131 6.11 7.89 -30.33
N LYS A 132 6.16 8.29 -29.09
CA LYS A 132 5.12 8.16 -28.08
C LYS A 132 5.06 9.53 -27.40
N ALA A 133 3.93 9.85 -26.82
CA ALA A 133 3.69 11.14 -26.14
C ALA A 133 2.79 10.87 -24.94
N THR A 134 3.25 11.16 -23.73
CA THR A 134 2.43 10.91 -22.53
C THR A 134 2.10 12.24 -21.85
N LEU A 135 0.84 12.54 -21.60
CA LEU A 135 0.41 13.77 -20.89
C LEU A 135 0.22 13.26 -19.44
N VAL A 136 0.70 14.00 -18.48
CA VAL A 136 0.59 13.58 -17.07
C VAL A 136 -0.22 14.60 -16.29
N CYS A 137 -1.24 14.05 -15.65
CA CYS A 137 -2.18 14.80 -14.83
C CYS A 137 -2.04 14.34 -13.37
N THR A 138 -1.44 15.19 -12.55
CA THR A 138 -1.25 14.86 -11.14
C THR A 138 -2.33 15.56 -10.34
N ILE A 139 -2.85 14.85 -9.37
CA ILE A 139 -3.91 15.20 -8.44
C ILE A 139 -3.49 14.97 -6.99
N THR A 140 -3.39 15.99 -6.17
CA THR A 140 -3.00 15.83 -4.77
C THR A 140 -3.98 16.53 -3.82
N ASP A 141 -3.72 16.25 -2.55
CA ASP A 141 -4.41 16.80 -1.39
C ASP A 141 -5.93 16.80 -1.40
N PHE A 142 -6.49 15.68 -1.84
CA PHE A 142 -7.95 15.51 -1.90
C PHE A 142 -8.40 14.53 -0.81
N TYR A 143 -9.67 14.65 -0.43
CA TYR A 143 -10.28 13.81 0.60
C TYR A 143 -11.78 13.92 0.44
N PRO A 144 -12.54 12.84 0.40
CA PRO A 144 -12.15 11.44 0.44
C PRO A 144 -11.39 11.06 -0.84
N GLY A 145 -10.80 9.88 -0.77
CA GLY A 145 -9.95 9.29 -1.78
C GLY A 145 -10.57 8.68 -3.00
N VAL A 146 -11.43 9.41 -3.67
CA VAL A 146 -12.08 8.93 -4.89
C VAL A 146 -12.44 10.13 -5.76
N VAL A 147 -11.78 10.09 -6.90
CA VAL A 147 -11.91 11.06 -7.97
C VAL A 147 -12.32 10.35 -9.27
N THR A 148 -12.67 11.16 -10.22
CA THR A 148 -13.01 10.75 -11.58
C THR A 148 -12.33 11.73 -12.52
N VAL A 149 -11.41 11.24 -13.32
CA VAL A 149 -10.68 12.11 -14.26
C VAL A 149 -11.12 11.73 -15.68
N ASP A 150 -11.39 12.80 -16.41
CA ASP A 150 -11.84 12.69 -17.81
C ASP A 150 -10.82 13.52 -18.59
N TRP A 151 -10.51 13.05 -19.78
CA TRP A 151 -9.55 13.70 -20.65
C TRP A 151 -10.22 14.10 -21.97
N LYS A 152 -9.88 15.23 -22.52
CA LYS A 152 -10.45 15.69 -23.78
C LYS A 152 -9.36 16.14 -24.73
N VAL A 153 -9.44 15.63 -25.96
CA VAL A 153 -8.46 16.06 -26.98
C VAL A 153 -9.27 16.93 -27.95
N ASP A 154 -8.86 18.18 -28.06
CA ASP A 154 -9.53 19.15 -28.93
C ASP A 154 -11.03 19.24 -28.68
N GLY A 155 -11.44 19.35 -27.42
CA GLY A 155 -12.83 19.45 -27.00
C GLY A 155 -13.58 18.14 -26.96
N THR A 156 -13.09 17.15 -27.66
CA THR A 156 -13.67 15.82 -27.75
C THR A 156 -13.10 14.96 -26.62
N PRO A 157 -14.02 14.35 -25.88
CA PRO A 157 -13.68 13.44 -24.78
C PRO A 157 -12.97 12.24 -25.38
N VAL A 158 -11.90 11.83 -24.72
CA VAL A 158 -11.07 10.70 -25.11
C VAL A 158 -11.72 9.47 -24.50
N THR A 159 -11.67 8.37 -25.22
CA THR A 159 -12.26 7.11 -24.72
C THR A 159 -11.18 6.11 -24.35
N GLN A 160 -10.16 6.05 -25.18
CA GLN A 160 -9.05 5.12 -24.95
C GLN A 160 -7.75 5.87 -24.75
N GLY A 161 -6.77 5.11 -24.29
CA GLY A 161 -5.42 5.59 -24.03
C GLY A 161 -5.09 6.15 -22.67
N MET A 162 -6.02 6.25 -21.75
CA MET A 162 -5.75 6.80 -20.42
C MET A 162 -5.71 5.68 -19.36
N GLU A 163 -4.89 5.98 -18.38
CA GLU A 163 -4.65 5.12 -17.22
C GLU A 163 -4.61 6.03 -16.00
N THR A 164 -5.37 5.62 -15.00
CA THR A 164 -5.44 6.39 -13.74
C THR A 164 -5.00 5.47 -12.60
N THR A 165 -4.24 6.03 -11.70
CA THR A 165 -3.77 5.23 -10.56
C THR A 165 -4.89 5.20 -9.53
N GLN A 166 -4.70 4.29 -8.62
CA GLN A 166 -5.61 4.11 -7.49
C GLN A 166 -5.05 5.15 -6.49
N PRO A 167 -5.91 5.93 -5.87
CA PRO A 167 -5.51 6.95 -4.90
C PRO A 167 -4.62 6.38 -3.83
N SER A 168 -3.65 7.13 -3.35
CA SER A 168 -2.76 6.66 -2.28
C SER A 168 -2.87 7.76 -1.21
N LYS A 169 -2.62 7.33 -0.01
CA LYS A 169 -2.68 8.22 1.17
C LYS A 169 -1.35 8.97 1.25
N GLN A 170 -1.41 10.26 1.55
CA GLN A 170 -0.17 11.05 1.67
C GLN A 170 0.08 11.05 3.17
N SER A 171 1.24 11.48 3.61
CA SER A 171 1.62 11.57 5.04
C SER A 171 0.59 12.27 5.93
N ASN A 172 -0.06 13.27 5.36
CA ASN A 172 -1.05 14.16 5.89
C ASN A 172 -2.46 13.61 5.84
N ASN A 173 -2.60 12.35 5.56
CA ASN A 173 -3.92 11.71 5.50
C ASN A 173 -4.79 12.11 4.33
N LYS A 174 -4.33 12.94 3.41
CA LYS A 174 -5.11 13.29 2.20
C LYS A 174 -4.61 12.27 1.16
N TYR A 175 -5.27 12.19 0.04
CA TYR A 175 -4.91 11.29 -1.05
C TYR A 175 -4.25 11.98 -2.24
N MET A 176 -3.66 11.12 -3.07
CA MET A 176 -2.99 11.47 -4.31
C MET A 176 -3.32 10.42 -5.39
N ALA A 177 -3.19 10.88 -6.63
CA ALA A 177 -3.44 10.00 -7.78
C ALA A 177 -2.78 10.71 -8.96
N SER A 178 -2.63 9.97 -10.03
CA SER A 178 -2.02 10.38 -11.29
C SER A 178 -2.80 9.84 -12.48
N SER A 179 -2.99 10.55 -13.56
CA SER A 179 -3.71 10.02 -14.73
C SER A 179 -2.75 10.25 -15.92
N TYR A 180 -2.69 9.26 -16.79
CA TYR A 180 -1.79 9.30 -17.95
C TYR A 180 -2.54 9.15 -19.26
N LEU A 181 -2.29 10.02 -20.21
CA LEU A 181 -2.89 9.92 -21.54
C LEU A 181 -1.69 9.64 -22.48
N THR A 182 -1.67 8.46 -23.06
CA THR A 182 -0.57 8.11 -23.97
C THR A 182 -0.99 8.25 -25.42
N LEU A 183 -0.34 9.06 -26.18
CA LEU A 183 -0.67 9.20 -27.61
C LEU A 183 0.59 8.77 -28.39
N THR A 184 0.46 8.77 -29.70
CA THR A 184 1.66 8.51 -30.52
C THR A 184 2.24 9.91 -30.79
N ALA A 185 3.51 10.10 -31.11
CA ALA A 185 3.99 11.45 -31.43
C ALA A 185 3.12 12.13 -32.50
N ARG A 186 2.65 11.41 -33.50
CA ARG A 186 1.82 11.88 -34.62
C ARG A 186 0.54 12.52 -34.14
N ALA A 187 -0.20 11.83 -33.33
CA ALA A 187 -1.47 12.28 -32.74
C ALA A 187 -1.23 13.57 -31.98
N TRP A 188 -0.16 13.57 -31.19
CA TRP A 188 0.24 14.72 -30.37
C TRP A 188 0.31 15.95 -31.27
N GLU A 189 0.95 15.81 -32.41
CA GLU A 189 1.09 16.91 -33.36
C GLU A 189 -0.11 17.26 -34.18
N ARG A 190 -1.10 16.40 -34.25
CA ARG A 190 -2.33 16.60 -35.03
C ARG A 190 -3.39 17.39 -34.28
N HIS A 191 -3.32 17.46 -32.96
CA HIS A 191 -4.24 18.18 -32.10
C HIS A 191 -3.61 19.38 -31.38
N SER A 192 -4.51 20.20 -30.82
CA SER A 192 -4.02 21.41 -30.15
C SER A 192 -4.29 21.60 -28.68
N SER A 193 -5.53 21.36 -28.28
CA SER A 193 -5.82 21.55 -26.85
C SER A 193 -6.08 20.19 -26.22
N TYR A 194 -5.50 20.13 -25.02
CA TYR A 194 -5.53 18.93 -24.14
C TYR A 194 -6.00 19.37 -22.76
N SER A 195 -6.96 18.62 -22.26
CA SER A 195 -7.57 18.89 -20.97
C SER A 195 -7.75 17.67 -20.09
N CYS A 196 -7.36 17.94 -18.85
CA CYS A 196 -7.47 16.92 -17.77
C CYS A 196 -8.56 17.45 -16.84
N GLN A 197 -9.64 16.70 -16.78
CA GLN A 197 -10.78 17.12 -15.92
C GLN A 197 -10.99 16.09 -14.82
N VAL A 198 -10.85 16.59 -13.60
CA VAL A 198 -11.00 15.74 -12.39
C VAL A 198 -12.25 16.12 -11.60
N THR A 199 -13.06 15.11 -11.38
CA THR A 199 -14.32 15.22 -10.66
C THR A 199 -14.22 14.61 -9.27
N HIS A 200 -14.36 15.48 -8.30
CA HIS A 200 -14.29 15.14 -6.87
C HIS A 200 -15.54 15.65 -6.15
N GLU A 201 -16.26 14.68 -5.57
CA GLU A 201 -17.51 14.90 -4.82
C GLU A 201 -18.37 15.97 -5.48
N GLY A 202 -18.86 15.70 -6.68
CA GLY A 202 -19.68 16.70 -7.38
C GLY A 202 -18.94 17.82 -8.08
N HIS A 203 -17.82 18.34 -7.61
CA HIS A 203 -17.11 19.43 -8.28
C HIS A 203 -16.16 18.90 -9.36
N THR A 204 -15.83 19.77 -10.29
CA THR A 204 -14.90 19.45 -11.37
C THR A 204 -13.76 20.46 -11.37
N VAL A 205 -12.55 19.97 -11.55
CA VAL A 205 -11.30 20.74 -11.63
C VAL A 205 -10.68 20.28 -12.97
N GLU A 206 -10.58 21.17 -13.93
CA GLU A 206 -9.97 20.79 -15.23
C GLU A 206 -8.75 21.69 -15.41
N LYS A 207 -7.77 21.24 -16.17
CA LYS A 207 -6.52 21.95 -16.47
C LYS A 207 -6.35 21.68 -17.97
N SER A 208 -5.82 22.64 -18.70
CA SER A 208 -5.62 22.46 -20.15
C SER A 208 -4.28 22.97 -20.63
N LEU A 209 -3.99 22.58 -21.87
CA LEU A 209 -2.74 23.00 -22.53
C LEU A 209 -2.92 23.05 -24.05
N SER A 210 -1.88 23.58 -24.68
CA SER A 210 -1.80 23.73 -26.14
C SER A 210 -0.44 23.34 -26.74
N GLN B 1 13.54 -1.60 21.97
CA GLN B 1 12.10 -1.83 21.75
C GLN B 1 11.87 -2.90 20.66
N VAL B 2 10.69 -3.49 20.79
CA VAL B 2 10.21 -4.57 19.95
C VAL B 2 9.98 -4.10 18.51
N GLN B 3 10.74 -4.78 17.68
CA GLN B 3 10.73 -4.51 16.26
C GLN B 3 10.86 -5.83 15.51
N LEU B 4 10.22 -5.89 14.37
CA LEU B 4 10.31 -7.03 13.44
C LEU B 4 10.49 -6.42 12.02
N LYS B 5 11.49 -6.84 11.25
CA LYS B 5 11.73 -6.36 9.90
C LYS B 5 11.94 -7.55 8.92
N GLU B 6 11.14 -7.54 7.89
CA GLU B 6 11.19 -8.58 6.87
C GLU B 6 12.08 -8.12 5.73
N SER B 7 12.69 -9.06 5.04
CA SER B 7 13.54 -8.73 3.90
C SER B 7 13.36 -9.95 2.98
N GLY B 8 13.18 -9.67 1.72
CA GLY B 8 12.94 -10.81 0.80
C GLY B 8 13.45 -10.42 -0.58
N PRO B 9 13.24 -11.31 -1.54
CA PRO B 9 13.78 -11.10 -2.86
C PRO B 9 13.09 -10.15 -3.78
N GLY B 10 11.89 -9.67 -3.49
CA GLY B 10 11.30 -8.75 -4.48
C GLY B 10 10.71 -9.53 -5.63
N LEU B 11 11.47 -9.89 -6.64
CA LEU B 11 10.91 -10.65 -7.76
C LEU B 11 11.33 -12.11 -7.76
N VAL B 12 10.42 -13.02 -7.94
CA VAL B 12 10.65 -14.46 -8.04
C VAL B 12 9.77 -15.02 -9.17
N ALA B 13 10.26 -16.02 -9.87
CA ALA B 13 9.57 -16.70 -10.97
C ALA B 13 8.68 -17.84 -10.51
N PRO B 14 7.58 -17.99 -11.21
CA PRO B 14 6.65 -19.09 -10.97
C PRO B 14 7.50 -20.36 -10.99
N SER B 15 7.06 -21.35 -10.24
CA SER B 15 7.60 -22.68 -10.00
C SER B 15 8.97 -22.64 -9.36
N GLN B 16 9.35 -21.61 -8.67
CA GLN B 16 10.71 -21.59 -8.11
C GLN B 16 10.45 -21.47 -6.61
N SER B 17 11.45 -21.06 -5.88
CA SER B 17 11.42 -20.93 -4.45
C SER B 17 11.46 -19.52 -3.92
N LEU B 18 10.96 -19.40 -2.71
CA LEU B 18 10.91 -18.11 -2.01
C LEU B 18 11.53 -18.28 -0.63
N SER B 19 12.39 -17.37 -0.29
CA SER B 19 13.04 -17.32 1.03
C SER B 19 12.95 -15.86 1.49
N ILE B 20 12.47 -15.65 2.70
CA ILE B 20 12.28 -14.37 3.36
C ILE B 20 12.83 -14.50 4.79
N THR B 21 13.33 -13.43 5.32
CA THR B 21 13.90 -13.34 6.64
C THR B 21 13.18 -12.28 7.46
N CYS B 22 12.96 -12.66 8.70
CA CYS B 22 12.36 -11.76 9.69
C CYS B 22 13.48 -11.52 10.72
N THR B 23 13.94 -10.29 10.82
CA THR B 23 15.01 -9.93 11.76
C THR B 23 14.28 -9.28 12.92
N VAL B 24 14.44 -9.82 14.12
CA VAL B 24 13.71 -9.21 15.26
C VAL B 24 14.67 -8.44 16.18
N SER B 25 14.09 -7.54 16.95
CA SER B 25 14.95 -6.79 17.89
C SER B 25 14.05 -6.35 19.04
N GLY B 26 14.64 -6.28 20.22
CA GLY B 26 13.88 -5.89 21.41
C GLY B 26 13.35 -7.09 22.16
N PHE B 27 13.51 -8.29 21.68
CA PHE B 27 13.01 -9.47 22.40
C PHE B 27 13.86 -10.61 21.85
N LEU B 28 13.89 -11.70 22.59
CA LEU B 28 14.70 -12.86 22.24
C LEU B 28 13.86 -13.97 21.63
N LEU B 29 14.35 -14.68 20.65
CA LEU B 29 13.63 -15.78 20.04
C LEU B 29 13.60 -17.00 20.93
N ILE B 30 14.51 -17.06 21.90
CA ILE B 30 14.54 -18.20 22.82
C ILE B 30 13.31 -18.09 23.76
N SER B 31 12.65 -16.96 23.82
CA SER B 31 11.50 -16.76 24.69
C SER B 31 10.19 -16.46 24.00
N ASN B 32 10.17 -16.08 22.75
CA ASN B 32 8.96 -15.69 22.01
C ASN B 32 8.83 -16.35 20.66
N GLY B 33 7.62 -16.72 20.29
CA GLY B 33 7.37 -17.36 18.98
C GLY B 33 7.13 -16.22 17.97
N VAL B 34 7.18 -16.59 16.69
CA VAL B 34 6.96 -15.63 15.60
C VAL B 34 6.07 -16.24 14.52
N HIS B 35 5.09 -15.48 14.06
CA HIS B 35 4.16 -15.92 13.02
C HIS B 35 4.49 -15.24 11.69
N TRP B 36 4.10 -15.88 10.63
CA TRP B 36 4.24 -15.44 9.24
C TRP B 36 2.80 -15.36 8.72
N VAL B 37 2.48 -14.24 8.13
CA VAL B 37 1.14 -13.88 7.61
C VAL B 37 1.37 -13.24 6.24
N ARG B 38 0.44 -13.38 5.30
CA ARG B 38 0.60 -12.78 3.97
C ARG B 38 -0.75 -12.13 3.65
N GLN B 39 -0.66 -11.18 2.77
CA GLN B 39 -1.80 -10.40 2.25
C GLN B 39 -1.69 -10.27 0.73
N PRO B 40 -2.40 -11.08 -0.02
CA PRO B 40 -2.39 -11.02 -1.49
C PRO B 40 -3.06 -9.70 -1.86
N PRO B 41 -2.65 -9.12 -2.97
CA PRO B 41 -3.18 -7.85 -3.45
C PRO B 41 -4.69 -7.90 -3.54
N GLY B 42 -5.30 -6.98 -2.82
CA GLY B 42 -6.75 -6.84 -2.73
C GLY B 42 -7.40 -8.04 -2.08
N LYS B 43 -6.68 -8.65 -1.16
CA LYS B 43 -7.16 -9.82 -0.39
C LYS B 43 -6.94 -9.49 1.08
N GLY B 44 -7.51 -10.36 1.89
CA GLY B 44 -7.40 -10.18 3.37
C GLY B 44 -6.10 -10.86 3.78
N LEU B 45 -5.90 -11.02 5.06
CA LEU B 45 -4.71 -11.65 5.60
C LEU B 45 -4.90 -13.18 5.59
N GLU B 46 -3.79 -13.87 5.44
CA GLU B 46 -3.74 -15.31 5.46
C GLU B 46 -2.56 -15.72 6.31
N TRP B 47 -2.80 -16.53 7.32
CA TRP B 47 -1.80 -17.05 8.23
C TRP B 47 -1.06 -18.18 7.51
N LEU B 48 0.25 -18.20 7.71
CA LEU B 48 1.12 -19.21 7.12
C LEU B 48 1.65 -20.17 8.18
N GLY B 49 2.12 -19.64 9.28
CA GLY B 49 2.67 -20.53 10.30
C GLY B 49 3.26 -19.74 11.44
N VAL B 50 3.75 -20.50 12.41
CA VAL B 50 4.36 -20.01 13.64
C VAL B 50 5.52 -20.95 14.02
N ILE B 51 6.51 -20.36 14.66
CA ILE B 51 7.64 -21.13 15.17
C ILE B 51 7.66 -20.68 16.64
N TRP B 52 7.43 -21.61 17.55
CA TRP B 52 7.44 -21.26 18.97
C TRP B 52 8.86 -21.17 19.51
N ALA B 53 9.04 -20.61 20.70
CA ALA B 53 10.33 -20.42 21.36
C ALA B 53 11.17 -21.69 21.42
N GLY B 54 10.52 -22.79 21.74
CA GLY B 54 11.04 -24.13 21.87
C GLY B 54 11.34 -24.82 20.55
N GLY B 55 10.99 -24.18 19.45
CA GLY B 55 11.26 -24.71 18.13
C GLY B 55 10.14 -25.43 17.42
N ASN B 56 9.05 -25.74 18.08
CA ASN B 56 7.94 -26.43 17.40
C ASN B 56 7.31 -25.44 16.43
N THR B 57 6.87 -25.94 15.30
CA THR B 57 6.22 -25.09 14.28
C THR B 57 4.86 -25.65 13.95
N ASN B 58 3.95 -24.83 13.46
CA ASN B 58 2.61 -25.32 13.08
C ASN B 58 2.38 -24.57 11.77
N TYR B 59 1.74 -25.23 10.82
CA TYR B 59 1.47 -24.62 9.52
C TYR B 59 0.00 -24.60 9.13
N ASN B 60 -0.32 -23.64 8.29
CA ASN B 60 -1.71 -23.55 7.76
C ASN B 60 -1.74 -24.84 6.92
N SER B 61 -2.67 -25.72 7.13
CA SER B 61 -2.76 -27.02 6.42
C SER B 61 -2.80 -26.92 4.92
N ALA B 62 -3.44 -25.89 4.40
CA ALA B 62 -3.56 -25.63 2.98
C ALA B 62 -2.15 -25.50 2.38
N LEU B 63 -1.26 -24.84 3.08
CA LEU B 63 0.11 -24.63 2.61
C LEU B 63 1.06 -25.72 3.07
N MET B 64 0.83 -26.29 4.21
CA MET B 64 1.59 -27.33 4.92
C MET B 64 2.79 -27.90 4.17
N SER B 65 2.59 -28.48 3.00
CA SER B 65 3.63 -29.06 2.17
C SER B 65 4.67 -28.11 1.56
N ARG B 66 4.28 -26.97 1.02
CA ARG B 66 5.19 -26.02 0.39
C ARG B 66 5.88 -25.10 1.37
N VAL B 67 5.45 -24.95 2.59
CA VAL B 67 6.07 -24.03 3.54
C VAL B 67 6.90 -24.69 4.61
N SER B 68 7.91 -23.98 5.03
CA SER B 68 8.85 -24.40 6.07
C SER B 68 9.38 -23.19 6.82
N ILE B 69 9.30 -23.15 8.15
CA ILE B 69 9.77 -22.00 8.92
C ILE B 69 10.91 -22.49 9.79
N SER B 70 11.90 -21.64 10.00
CA SER B 70 13.06 -21.98 10.86
C SER B 70 13.63 -20.72 11.49
N LYS B 71 14.55 -20.87 12.40
CA LYS B 71 15.12 -19.68 13.05
C LYS B 71 16.57 -19.86 13.43
N ASP B 72 17.15 -18.76 13.87
CA ASP B 72 18.51 -18.64 14.35
C ASP B 72 18.44 -17.77 15.61
N ASN B 73 18.44 -18.45 16.74
CA ASN B 73 18.31 -17.76 18.04
C ASN B 73 19.36 -16.68 18.26
N SER B 74 20.59 -17.07 18.06
CA SER B 74 21.77 -16.20 18.21
C SER B 74 21.71 -15.03 17.25
N LYS B 75 21.21 -15.31 16.04
CA LYS B 75 21.06 -14.29 15.01
C LYS B 75 19.77 -13.48 15.04
N SER B 76 18.79 -13.82 15.87
CA SER B 76 17.54 -13.04 15.92
C SER B 76 16.79 -13.02 14.57
N GLN B 77 16.90 -14.14 13.86
CA GLN B 77 16.28 -14.33 12.58
C GLN B 77 15.39 -15.56 12.47
N VAL B 78 14.26 -15.30 11.81
CA VAL B 78 13.23 -16.32 11.50
C VAL B 78 13.20 -16.35 9.97
N PHE B 79 13.08 -17.54 9.41
CA PHE B 79 13.03 -17.67 7.96
C PHE B 79 11.79 -18.45 7.52
N LEU B 80 11.30 -18.08 6.37
CA LEU B 80 10.18 -18.72 5.71
C LEU B 80 10.67 -19.13 4.31
N LYS B 81 10.52 -20.39 3.98
CA LYS B 81 10.89 -20.94 2.68
C LYS B 81 9.54 -21.36 2.10
N MET B 82 9.23 -20.98 0.90
CA MET B 82 7.94 -21.33 0.25
C MET B 82 8.28 -21.84 -1.16
N LYS B 83 7.80 -23.05 -1.50
CA LYS B 83 8.10 -23.57 -2.82
C LYS B 83 6.86 -23.73 -3.71
N SER B 84 7.20 -24.08 -4.96
CA SER B 84 6.22 -24.33 -6.01
C SER B 84 5.41 -23.05 -6.26
N LEU B 85 6.10 -21.95 -6.41
CA LEU B 85 5.31 -20.72 -6.60
C LEU B 85 4.50 -20.71 -7.88
N GLN B 86 3.37 -20.05 -7.76
CA GLN B 86 2.38 -19.74 -8.79
C GLN B 86 2.31 -18.22 -8.60
N THR B 87 1.77 -17.49 -9.54
CA THR B 87 1.70 -16.03 -9.47
C THR B 87 0.77 -15.52 -8.40
N ASP B 88 -0.07 -16.40 -7.92
CA ASP B 88 -1.03 -16.12 -6.84
C ASP B 88 -0.29 -16.14 -5.49
N ASP B 89 1.02 -16.27 -5.43
CA ASP B 89 1.83 -16.24 -4.23
C ASP B 89 2.36 -14.80 -4.13
N THR B 90 1.93 -13.95 -5.03
CA THR B 90 2.28 -12.53 -5.03
C THR B 90 1.62 -11.98 -3.75
N ALA B 91 2.38 -11.33 -2.86
CA ALA B 91 1.77 -10.78 -1.66
C ALA B 91 2.76 -10.00 -0.82
N MET B 92 2.19 -9.35 0.18
CA MET B 92 2.94 -8.61 1.21
C MET B 92 3.13 -9.74 2.25
N TYR B 93 4.33 -9.98 2.70
CA TYR B 93 4.61 -11.05 3.66
C TYR B 93 5.00 -10.36 4.96
N TYR B 94 4.35 -10.71 6.07
CA TYR B 94 4.59 -10.14 7.37
C TYR B 94 4.97 -11.16 8.44
N CYS B 95 5.75 -10.70 9.39
CA CYS B 95 6.13 -11.49 10.58
C CYS B 95 5.49 -10.68 11.75
N ALA B 96 5.02 -11.39 12.75
CA ALA B 96 4.36 -10.81 13.92
C ALA B 96 4.81 -11.65 15.12
N ARG B 97 4.95 -11.02 16.27
CA ARG B 97 5.34 -11.73 17.48
C ARG B 97 4.16 -12.46 18.14
N ASP B 98 4.46 -13.62 18.63
CA ASP B 98 3.48 -14.41 19.37
C ASP B 98 3.62 -14.12 20.88
N PHE B 99 2.50 -13.89 21.55
CA PHE B 99 2.55 -13.63 23.00
C PHE B 99 1.40 -14.27 23.74
N TYR B 100 1.62 -14.77 24.93
CA TYR B 100 0.56 -15.38 25.73
C TYR B 100 0.71 -15.15 27.22
N ASP B 101 1.75 -14.46 27.67
CA ASP B 101 1.96 -14.26 29.12
C ASP B 101 1.06 -13.17 29.69
N TYR B 102 -0.22 -13.43 29.68
CA TYR B 102 -1.23 -12.51 30.18
C TYR B 102 -1.80 -12.96 31.51
N ASP B 103 -2.70 -12.16 32.07
CA ASP B 103 -3.34 -12.41 33.38
C ASP B 103 -4.14 -13.71 33.36
N VAL B 104 -4.77 -13.96 32.25
CA VAL B 104 -5.51 -15.17 31.91
C VAL B 104 -4.80 -15.61 30.61
N PHE B 105 -4.63 -16.91 30.44
CA PHE B 105 -3.97 -17.42 29.24
C PHE B 105 -4.74 -17.15 27.95
N TYR B 106 -4.04 -16.67 26.95
CA TYR B 106 -4.58 -16.47 25.60
C TYR B 106 -3.38 -16.21 24.70
N TYR B 107 -3.46 -16.58 23.47
CA TYR B 107 -2.43 -16.34 22.45
C TYR B 107 -2.88 -15.06 21.72
N ALA B 108 -1.93 -14.22 21.38
CA ALA B 108 -2.14 -12.95 20.67
C ALA B 108 -0.94 -12.68 19.76
N MET B 109 -1.15 -12.00 18.67
CA MET B 109 -0.05 -11.61 17.73
C MET B 109 0.07 -10.16 18.20
N ASP B 110 1.04 -9.82 19.04
CA ASP B 110 1.06 -8.43 19.58
C ASP B 110 1.73 -7.28 18.87
N TYR B 111 2.82 -7.45 18.19
CA TYR B 111 3.63 -6.53 17.44
C TYR B 111 3.81 -7.11 16.03
N TRP B 112 3.52 -6.32 15.02
CA TRP B 112 3.62 -6.70 13.61
C TRP B 112 4.80 -6.05 12.91
N GLY B 113 5.41 -6.72 11.96
CA GLY B 113 6.51 -6.11 11.18
C GLY B 113 5.77 -5.24 10.15
N GLN B 114 6.51 -4.59 9.34
CA GLN B 114 6.03 -3.66 8.29
C GLN B 114 5.72 -4.30 6.97
N GLY B 115 6.20 -5.53 6.76
CA GLY B 115 5.96 -6.30 5.54
C GLY B 115 7.01 -6.15 4.46
N THR B 116 7.01 -7.11 3.57
CA THR B 116 7.90 -7.16 2.41
C THR B 116 7.04 -7.69 1.27
N SER B 117 7.14 -6.96 0.20
CA SER B 117 6.39 -7.24 -1.03
C SER B 117 7.17 -8.19 -1.92
N VAL B 118 6.52 -9.26 -2.31
CA VAL B 118 7.08 -10.29 -3.19
C VAL B 118 6.21 -10.33 -4.45
N THR B 119 6.88 -10.25 -5.59
CA THR B 119 6.15 -10.31 -6.87
C THR B 119 6.49 -11.65 -7.49
N VAL B 120 5.52 -12.51 -7.77
CA VAL B 120 5.83 -13.81 -8.39
C VAL B 120 5.45 -13.63 -9.88
N SER B 121 6.45 -13.57 -10.74
CA SER B 121 6.19 -13.36 -12.17
C SER B 121 7.32 -13.90 -13.01
N SER B 122 6.97 -14.21 -14.25
CA SER B 122 7.98 -14.70 -15.21
C SER B 122 8.44 -13.52 -16.09
N ALA B 123 8.00 -12.31 -15.81
CA ALA B 123 8.36 -11.08 -16.51
C ALA B 123 9.82 -10.76 -16.16
N LYS B 124 10.48 -10.16 -17.12
CA LYS B 124 11.86 -9.74 -17.16
C LYS B 124 12.12 -8.39 -16.51
N THR B 125 13.23 -8.23 -15.85
CA THR B 125 13.64 -6.96 -15.21
C THR B 125 14.00 -6.04 -16.38
N THR B 126 13.49 -4.81 -16.31
CA THR B 126 13.71 -3.82 -17.38
C THR B 126 13.92 -2.46 -16.72
N PRO B 127 15.06 -1.85 -16.97
CA PRO B 127 15.43 -0.52 -16.42
C PRO B 127 14.51 0.55 -16.95
N PRO B 128 14.30 1.64 -16.21
CA PRO B 128 13.40 2.71 -16.69
C PRO B 128 14.03 3.68 -17.66
N SER B 129 13.19 4.45 -18.35
CA SER B 129 13.50 5.55 -19.27
C SER B 129 13.04 6.76 -18.45
N VAL B 130 13.84 7.79 -18.28
CA VAL B 130 13.40 8.94 -17.47
C VAL B 130 13.20 10.18 -18.30
N TYR B 131 12.03 10.78 -18.22
CA TYR B 131 11.71 12.00 -18.98
C TYR B 131 11.38 13.14 -18.01
N PRO B 132 11.82 14.34 -18.34
CA PRO B 132 11.53 15.52 -17.51
C PRO B 132 10.12 16.02 -17.79
N LEU B 133 9.45 16.52 -16.76
CA LEU B 133 8.12 17.11 -16.85
C LEU B 133 8.35 18.60 -16.53
N ALA B 134 8.17 19.41 -17.55
CA ALA B 134 8.34 20.88 -17.49
C ALA B 134 6.95 21.44 -17.76
N PRO B 135 6.75 22.63 -17.22
CA PRO B 135 5.45 23.29 -17.28
C PRO B 135 4.83 23.45 -18.61
N GLY B 136 5.61 23.82 -19.59
CA GLY B 136 4.96 24.03 -20.94
C GLY B 136 4.44 25.46 -20.74
N SER B 137 3.28 25.54 -20.14
CA SER B 137 2.64 26.83 -19.80
C SER B 137 3.61 27.53 -18.83
N ALA B 138 4.57 28.25 -19.37
CA ALA B 138 5.60 28.99 -18.65
C ALA B 138 5.16 30.33 -18.08
N ALA B 139 3.86 30.53 -17.94
CA ALA B 139 3.23 31.72 -17.37
C ALA B 139 3.27 31.55 -15.84
N GLN B 140 3.70 32.62 -15.20
CA GLN B 140 3.79 32.64 -13.74
C GLN B 140 2.38 32.41 -13.17
N THR B 141 2.29 31.28 -12.48
CA THR B 141 1.02 30.87 -11.84
C THR B 141 0.93 31.57 -10.48
N ASN B 142 2.06 31.68 -9.83
CA ASN B 142 2.18 32.34 -8.52
C ASN B 142 3.69 32.33 -8.25
N SER B 143 4.04 32.27 -6.99
CA SER B 143 5.43 32.24 -6.57
C SER B 143 6.15 30.90 -6.82
N MET B 144 5.43 29.81 -6.97
CA MET B 144 6.02 28.48 -7.15
C MET B 144 5.82 27.87 -8.54
N VAL B 145 6.78 27.05 -8.93
CA VAL B 145 6.65 26.35 -10.23
C VAL B 145 6.73 24.88 -9.87
N THR B 146 5.94 24.02 -10.49
CA THR B 146 6.04 22.58 -10.14
C THR B 146 6.52 21.83 -11.37
N LEU B 147 7.61 21.12 -11.12
CA LEU B 147 8.34 20.28 -12.08
C LEU B 147 8.24 18.77 -11.70
N GLY B 148 8.59 17.92 -12.65
CA GLY B 148 8.52 16.47 -12.40
C GLY B 148 9.43 15.63 -13.29
N CYS B 149 9.37 14.34 -13.05
CA CYS B 149 10.13 13.35 -13.82
C CYS B 149 9.15 12.20 -14.07
N LEU B 150 9.12 11.72 -15.29
CA LEU B 150 8.25 10.58 -15.64
C LEU B 150 9.19 9.36 -15.69
N VAL B 151 8.85 8.37 -14.88
CA VAL B 151 9.68 7.12 -14.83
C VAL B 151 8.86 6.05 -15.55
N LYS B 152 9.28 5.78 -16.77
CA LYS B 152 8.51 4.86 -17.64
C LYS B 152 9.10 3.52 -18.02
N GLY B 153 8.25 2.51 -18.18
CA GLY B 153 8.64 1.18 -18.57
C GLY B 153 9.63 0.34 -17.82
N TYR B 154 9.46 0.20 -16.51
CA TYR B 154 10.39 -0.61 -15.71
C TYR B 154 9.69 -1.79 -15.06
N PHE B 155 10.47 -2.78 -14.68
CA PHE B 155 9.94 -3.97 -14.01
C PHE B 155 11.11 -4.59 -13.23
N PRO B 156 10.94 -5.01 -12.00
CA PRO B 156 9.74 -4.95 -11.19
C PRO B 156 9.76 -3.67 -10.34
N GLU B 157 8.80 -3.47 -9.46
CA GLU B 157 8.89 -2.26 -8.59
C GLU B 157 9.93 -2.63 -7.54
N PRO B 158 10.48 -1.71 -6.78
CA PRO B 158 10.26 -0.29 -6.84
C PRO B 158 11.38 0.48 -7.53
N VAL B 159 11.12 1.77 -7.62
CA VAL B 159 12.09 2.73 -8.13
C VAL B 159 12.15 3.78 -6.98
N THR B 160 13.28 4.44 -6.91
CA THR B 160 13.52 5.51 -5.92
C THR B 160 13.74 6.81 -6.68
N VAL B 161 13.04 7.85 -6.27
CA VAL B 161 13.20 9.14 -6.98
C VAL B 161 13.61 10.17 -5.89
N THR B 162 14.68 10.87 -6.21
CA THR B 162 15.25 11.89 -5.31
C THR B 162 15.42 13.16 -6.08
N TRP B 163 15.41 14.29 -5.43
CA TRP B 163 15.58 15.58 -6.16
C TRP B 163 16.85 16.26 -5.67
N ASN B 164 17.75 16.42 -6.64
CA ASN B 164 19.05 17.04 -6.37
C ASN B 164 19.70 16.29 -5.21
N SER B 165 19.80 14.99 -5.36
CA SER B 165 20.37 14.09 -4.37
C SER B 165 19.80 14.23 -2.97
N GLY B 166 18.51 14.39 -2.80
CA GLY B 166 17.85 14.51 -1.52
C GLY B 166 17.72 15.90 -0.93
N SER B 167 18.43 16.89 -1.45
CA SER B 167 18.41 18.28 -1.00
C SER B 167 17.00 18.87 -0.96
N LEU B 168 16.32 18.71 -2.08
CA LEU B 168 14.93 19.20 -2.22
C LEU B 168 14.04 18.14 -1.57
N SER B 169 13.49 18.53 -0.45
CA SER B 169 12.57 17.66 0.34
C SER B 169 11.22 18.36 0.37
N SER B 170 11.29 19.56 -0.17
CA SER B 170 10.28 20.57 -0.35
C SER B 170 9.12 20.09 -1.21
N GLY B 171 7.96 19.84 -0.65
CA GLY B 171 6.78 19.38 -1.38
C GLY B 171 7.05 18.48 -2.58
N VAL B 172 7.67 17.37 -2.26
CA VAL B 172 8.00 16.33 -3.23
C VAL B 172 6.83 15.34 -3.12
N HIS B 173 6.34 14.92 -4.25
CA HIS B 173 5.26 13.94 -4.38
C HIS B 173 5.74 12.83 -5.33
N THR B 174 5.67 11.62 -4.84
CA THR B 174 6.05 10.44 -5.68
C THR B 174 4.73 9.72 -5.78
N PHE B 175 4.13 9.72 -6.97
CA PHE B 175 2.81 9.10 -7.14
C PHE B 175 2.87 7.59 -7.24
N PRO B 176 1.76 6.97 -6.91
CA PRO B 176 1.69 5.48 -7.09
C PRO B 176 1.96 5.16 -8.58
N ALA B 177 2.43 3.97 -8.88
CA ALA B 177 2.79 3.37 -10.16
C ALA B 177 1.63 2.68 -10.86
N VAL B 178 1.51 2.80 -12.17
CA VAL B 178 0.50 2.19 -13.03
C VAL B 178 1.25 1.05 -13.74
N LEU B 179 0.58 -0.04 -14.00
CA LEU B 179 1.17 -1.21 -14.63
C LEU B 179 0.47 -1.55 -15.92
N GLN B 180 1.17 -1.41 -17.02
CA GLN B 180 0.62 -1.70 -18.34
C GLN B 180 1.52 -2.64 -19.15
N SER B 181 1.00 -3.87 -19.21
CA SER B 181 1.62 -4.98 -19.95
C SER B 181 2.96 -5.32 -19.34
N ASP B 182 2.91 -5.44 -18.03
CA ASP B 182 4.06 -5.77 -17.20
C ASP B 182 5.13 -4.71 -17.12
N LEU B 183 4.83 -3.48 -17.37
CA LEU B 183 5.82 -2.40 -17.27
C LEU B 183 5.08 -1.35 -16.44
N TYR B 184 5.77 -0.93 -15.42
CA TYR B 184 5.25 0.09 -14.50
C TYR B 184 5.68 1.46 -14.99
N THR B 185 4.87 2.45 -14.65
CA THR B 185 5.24 3.83 -14.99
C THR B 185 4.78 4.64 -13.77
N LEU B 186 5.62 5.53 -13.33
CA LEU B 186 5.34 6.41 -12.18
C LEU B 186 5.87 7.83 -12.45
N SER B 187 5.38 8.82 -11.72
CA SER B 187 5.88 10.20 -11.84
C SER B 187 6.22 10.67 -10.41
N SER B 188 7.06 11.67 -10.40
CA SER B 188 7.46 12.34 -9.16
C SER B 188 7.47 13.84 -9.48
N SER B 189 6.99 14.68 -8.59
CA SER B 189 6.97 16.13 -8.82
C SER B 189 7.59 16.87 -7.62
N VAL B 190 8.12 18.05 -7.92
CA VAL B 190 8.74 18.94 -6.95
C VAL B 190 8.24 20.37 -7.20
N THR B 191 7.99 21.09 -6.14
CA THR B 191 7.53 22.49 -6.24
C THR B 191 8.66 23.41 -5.74
N VAL B 192 9.04 24.37 -6.57
CA VAL B 192 10.10 25.34 -6.28
C VAL B 192 9.66 26.77 -6.59
N PRO B 193 10.26 27.72 -5.87
CA PRO B 193 9.99 29.17 -6.05
C PRO B 193 10.31 29.51 -7.49
N SER B 194 9.40 30.16 -8.20
CA SER B 194 9.57 30.50 -9.61
C SER B 194 10.73 31.43 -9.93
N SER B 195 11.19 32.22 -8.98
CA SER B 195 12.33 33.12 -9.24
C SER B 195 13.62 32.31 -9.45
N THR B 196 13.68 31.14 -8.90
CA THR B 196 14.73 30.15 -8.86
C THR B 196 15.06 29.37 -10.12
N TRP B 197 14.03 28.78 -10.67
CA TRP B 197 14.17 27.96 -11.90
C TRP B 197 13.84 28.86 -13.08
N PRO B 198 14.58 28.81 -14.18
CA PRO B 198 15.71 27.94 -14.48
C PRO B 198 17.05 28.43 -14.00
N SER B 199 17.14 29.56 -13.35
CA SER B 199 18.41 30.12 -12.83
C SER B 199 19.26 29.08 -12.11
N GLU B 200 18.58 28.38 -11.22
CA GLU B 200 19.10 27.32 -10.38
C GLU B 200 18.54 26.02 -10.93
N THR B 201 19.41 25.05 -11.18
CA THR B 201 19.11 23.73 -11.73
C THR B 201 18.35 22.79 -10.80
N VAL B 202 17.46 22.02 -11.42
CA VAL B 202 16.65 21.03 -10.71
C VAL B 202 16.88 19.71 -11.49
N THR B 203 17.35 18.75 -10.70
CA THR B 203 17.67 17.42 -11.19
C THR B 203 16.96 16.33 -10.39
N CYS B 204 16.40 15.39 -11.15
CA CYS B 204 15.77 14.24 -10.50
C CYS B 204 16.74 13.07 -10.72
N ASN B 205 16.89 12.33 -9.65
CA ASN B 205 17.76 11.14 -9.55
C ASN B 205 16.89 9.90 -9.31
N VAL B 206 16.96 8.99 -10.26
CA VAL B 206 16.17 7.75 -10.23
C VAL B 206 17.05 6.52 -10.07
N ALA B 207 16.65 5.66 -9.14
CA ALA B 207 17.41 4.44 -8.94
C ALA B 207 16.45 3.25 -9.08
N HIS B 208 16.87 2.30 -9.89
CA HIS B 208 16.15 1.04 -10.11
C HIS B 208 17.07 -0.08 -9.54
N PRO B 209 16.83 -0.47 -8.31
CA PRO B 209 17.61 -1.47 -7.61
C PRO B 209 17.73 -2.80 -8.31
N ALA B 210 16.64 -3.27 -8.89
CA ALA B 210 16.63 -4.57 -9.60
C ALA B 210 17.50 -4.65 -10.83
N SER B 211 17.86 -3.51 -11.40
CA SER B 211 18.71 -3.49 -12.61
C SER B 211 20.03 -2.81 -12.27
N SER B 212 20.23 -2.40 -11.05
CA SER B 212 21.38 -1.67 -10.52
C SER B 212 21.61 -0.44 -11.42
N THR B 213 20.52 0.24 -11.72
CA THR B 213 20.60 1.41 -12.60
C THR B 213 20.20 2.68 -11.87
N LYS B 214 20.95 3.70 -12.21
CA LYS B 214 20.87 5.07 -11.77
C LYS B 214 20.92 5.97 -13.00
N VAL B 215 19.94 6.87 -13.04
CA VAL B 215 19.77 7.87 -14.12
C VAL B 215 19.44 9.20 -13.42
N ASP B 216 19.96 10.28 -13.96
CA ASP B 216 19.74 11.64 -13.46
C ASP B 216 19.21 12.45 -14.65
N LYS B 217 18.16 13.21 -14.44
CA LYS B 217 17.64 14.04 -15.56
C LYS B 217 17.52 15.47 -15.07
N LYS B 218 18.14 16.39 -15.78
CA LYS B 218 18.14 17.81 -15.39
C LYS B 218 16.86 18.34 -16.01
N ILE B 219 16.07 19.07 -15.23
CA ILE B 219 14.81 19.58 -15.84
C ILE B 219 15.01 21.06 -16.17
N VAL B 220 14.91 21.27 -17.48
CA VAL B 220 15.05 22.53 -18.17
C VAL B 220 13.71 22.90 -18.81
N PRO B 221 13.69 24.30 -18.95
CA PRO B 221 12.43 24.80 -19.57
C PRO B 221 12.33 24.38 -21.04
#